data_6TJ7
#
_entry.id   6TJ7
#
_cell.length_a   84.630
_cell.length_b   93.482
_cell.length_c   108.148
_cell.angle_alpha   90.000
_cell.angle_beta   90.000
_cell.angle_gamma   90.000
#
_symmetry.space_group_name_H-M   'I 21 21 21'
#
loop_
_entity.id
_entity.type
_entity.pdbx_description
1 polymer 'Calmodulin, putative'
2 polymer 'Myosin light chain TgMLC1'
3 polymer Myosin-A
4 non-polymer 'CALCIUM ION'
5 non-polymer 1,3-PROPANDIOL
6 non-polymer HEXANE-1,6-DIOL
7 non-polymer 'CHLORIDE ION'
8 non-polymer 'TETRAETHYLENE GLYCOL'
9 water water
#
loop_
_entity_poly.entity_id
_entity_poly.type
_entity_poly.pdbx_seq_one_letter_code
_entity_poly.pdbx_strand_id
1 'polypeptide(L)'
;GHMSSVEQKAREAFKLFDRNGDGELTHQEAVLAVRSCGIPLRIQELDLPEQVTYPQFRQWMMNRVARSDPLEDLIKLFAP
FDRKNDGTISTEELAQVMKTLCSSMTEEDIDHLIKQADPNNSGNIKYAEFVHQCF
;
A
2 'polypeptide(L)'
;ADEDMQEALEEMVEADEMYARFNARASGGKVSTGDAMILARQLGLAPSYADKQAFEEKSGDNLDYASFQKFVGTSTHPED
NIEDLVEAFAYFDVSKHGYLTRKQMGNILMTYGEPLTTEEFNALAAEYFTSDQIDYRQFCKAMLEAENLYFQ
;
B
3 'polypeptide(L)' SSWEPLVSVLEAYYAGRRHKKQLLKKTPFIIRAQAHIRRHLV C
#
# COMPACT_ATOMS: atom_id res chain seq x y z
N HIS A 2 -2.99 22.27 -2.13
CA HIS A 2 -1.59 22.53 -1.80
C HIS A 2 -1.27 21.90 -0.46
N MET A 3 -2.30 21.44 0.22
CA MET A 3 -2.15 20.94 1.58
C MET A 3 -2.65 19.53 1.73
N SER A 4 -3.86 19.26 1.22
CA SER A 4 -4.33 17.88 1.15
C SER A 4 -3.29 16.99 0.48
N SER A 5 -2.50 17.55 -0.44
CA SER A 5 -1.34 16.83 -0.96
C SER A 5 -0.33 16.54 0.15
N VAL A 6 -0.10 17.50 1.05
CA VAL A 6 0.80 17.29 2.18
C VAL A 6 0.34 16.10 3.01
N GLU A 7 -0.93 16.10 3.42
CA GLU A 7 -1.41 14.99 4.22
C GLU A 7 -1.40 13.68 3.44
N GLN A 8 -1.64 13.72 2.14
CA GLN A 8 -1.61 12.49 1.35
C GLN A 8 -0.20 11.90 1.36
N LYS A 9 0.81 12.74 1.12
CA LYS A 9 2.20 12.29 1.15
C LYS A 9 2.61 11.81 2.54
N ALA A 10 2.12 12.50 3.57
CA ALA A 10 2.38 12.07 4.94
C ALA A 10 1.81 10.69 5.22
N ARG A 11 0.56 10.46 4.80
CA ARG A 11 -0.08 9.19 5.10
C ARG A 11 0.59 8.06 4.33
N GLU A 12 0.98 8.32 3.08
CA GLU A 12 1.68 7.28 2.33
C GLU A 12 3.02 6.95 2.97
N ALA A 13 3.81 7.98 3.31
CA ALA A 13 5.11 7.72 3.93
C ALA A 13 4.95 6.92 5.21
N PHE A 14 4.01 7.33 6.06
CA PHE A 14 3.68 6.58 7.27
C PHE A 14 3.42 5.10 6.97
N LYS A 15 2.49 4.83 6.05
CA LYS A 15 2.15 3.43 5.74
C LYS A 15 3.33 2.67 5.19
N LEU A 16 4.20 3.33 4.42
CA LEU A 16 5.34 2.62 3.83
C LEU A 16 6.39 2.27 4.87
N PHE A 17 6.56 3.11 5.89
CA PHE A 17 7.60 2.85 6.89
C PHE A 17 7.08 2.19 8.16
N ASP A 18 5.78 1.88 8.25
CA ASP A 18 5.25 1.15 9.40
C ASP A 18 5.48 -0.33 9.15
N ARG A 19 6.72 -0.75 9.42
CA ARG A 19 7.21 -1.98 8.82
C ARG A 19 6.46 -3.20 9.33
N ASN A 20 6.05 -3.20 10.59
CA ASN A 20 5.28 -4.30 11.16
C ASN A 20 3.79 -4.03 11.19
N GLY A 21 3.32 -2.99 10.52
CA GLY A 21 1.89 -2.75 10.34
C GLY A 21 1.08 -2.59 11.61
N ASP A 22 1.68 -2.10 12.70
CA ASP A 22 0.94 -1.91 13.94
C ASP A 22 0.35 -0.52 14.09
N GLY A 23 0.52 0.35 13.10
CA GLY A 23 -0.01 1.71 13.19
C GLY A 23 0.86 2.69 13.98
N GLU A 24 2.09 2.33 14.29
CA GLU A 24 3.03 3.25 14.91
C GLU A 24 4.35 3.16 14.18
N LEU A 25 5.08 4.26 14.14
CA LEU A 25 6.45 4.26 13.66
C LEU A 25 7.38 4.29 14.86
N THR A 26 8.51 3.59 14.77
CA THR A 26 9.58 3.88 15.69
C THR A 26 10.17 5.23 15.32
N HIS A 27 10.88 5.82 16.28
CA HIS A 27 11.48 7.12 16.04
C HIS A 27 12.35 7.11 14.79
N GLN A 28 13.15 6.06 14.62
CA GLN A 28 14.03 5.97 13.44
C GLN A 28 13.21 5.90 12.15
N GLU A 29 12.18 5.03 12.15
CA GLU A 29 11.30 4.96 10.98
C GLU A 29 10.65 6.31 10.71
N ALA A 30 10.31 7.06 11.76
CA ALA A 30 9.74 8.39 11.55
C ALA A 30 10.74 9.33 10.89
N VAL A 31 12.01 9.27 11.30
CA VAL A 31 13.05 10.08 10.66
C VAL A 31 13.06 9.80 9.16
N LEU A 32 13.15 8.52 8.80
CA LEU A 32 13.21 8.18 7.38
C LEU A 32 11.92 8.58 6.65
N ALA A 33 10.77 8.43 7.29
CA ALA A 33 9.52 8.75 6.64
C ALA A 33 9.43 10.23 6.33
N VAL A 34 9.87 11.08 7.26
CA VAL A 34 9.92 12.51 7.00
C VAL A 34 10.85 12.82 5.83
N ARG A 35 12.09 12.30 5.89
CA ARG A 35 13.04 12.57 4.81
C ARG A 35 12.51 12.09 3.46
N SER A 36 11.80 10.97 3.45
CA SER A 36 11.34 10.38 2.20
C SER A 36 10.35 11.27 1.46
N CYS A 37 9.83 12.30 2.12
CA CYS A 37 8.92 13.27 1.51
C CYS A 37 9.67 14.44 0.88
N GLY A 38 10.99 14.43 0.93
CA GLY A 38 11.79 15.56 0.49
C GLY A 38 12.14 16.55 1.57
N ILE A 39 11.99 16.20 2.86
CA ILE A 39 12.18 17.14 3.94
C ILE A 39 13.58 16.86 4.58
N PRO A 40 14.52 17.77 4.44
CA PRO A 40 15.79 17.60 5.17
C PRO A 40 15.54 17.56 6.67
N LEU A 41 16.21 16.63 7.34
CA LEU A 41 15.92 16.44 8.77
C LEU A 41 17.11 15.79 9.46
N ARG A 42 17.62 16.44 10.51
CA ARG A 42 18.71 15.88 11.28
C ARG A 42 18.19 14.81 12.25
N ILE A 43 18.99 13.76 12.40
CA ILE A 43 18.57 12.56 13.13
C ILE A 43 18.18 12.89 14.57
N GLN A 44 18.72 13.95 15.14
CA GLN A 44 18.44 14.30 16.52
C GLN A 44 17.49 15.48 16.65
N GLU A 45 16.86 15.92 15.55
CA GLU A 45 16.06 17.13 15.56
C GLU A 45 14.57 16.87 15.35
N LEU A 46 14.13 15.62 15.50
CA LEU A 46 12.73 15.24 15.34
C LEU A 46 12.08 15.16 16.72
N ASP A 47 11.24 16.15 17.02
CA ASP A 47 10.60 16.23 18.34
C ASP A 47 9.33 15.37 18.34
N LEU A 48 9.52 14.07 18.49
CA LEU A 48 8.46 13.08 18.58
C LEU A 48 8.89 12.02 19.58
N PRO A 49 7.94 11.29 20.16
CA PRO A 49 8.33 10.29 21.17
C PRO A 49 8.96 9.05 20.54
N GLU A 50 9.23 8.02 21.35
CA GLU A 50 9.91 6.83 20.82
C GLU A 50 9.00 6.05 19.87
N GLN A 51 7.71 5.95 20.20
CA GLN A 51 6.70 5.42 19.29
C GLN A 51 5.81 6.58 18.83
N VAL A 52 5.51 6.61 17.53
CA VAL A 52 4.90 7.75 16.87
C VAL A 52 3.60 7.29 16.20
N THR A 53 2.48 7.83 16.64
CA THR A 53 1.20 7.54 15.99
C THR A 53 1.02 8.43 14.76
N TYR A 54 0.10 8.05 13.89
CA TYR A 54 -0.17 8.88 12.72
C TYR A 54 -0.59 10.29 13.09
N PRO A 55 -1.48 10.51 14.07
CA PRO A 55 -1.80 11.89 14.45
C PRO A 55 -0.58 12.72 14.83
N GLN A 56 0.30 12.18 15.67
CA GLN A 56 1.49 12.93 16.06
C GLN A 56 2.38 13.20 14.84
N PHE A 57 2.54 12.19 13.99
CA PHE A 57 3.34 12.35 12.77
C PHE A 57 2.79 13.46 11.89
N ARG A 58 1.49 13.42 11.62
CA ARG A 58 0.85 14.45 10.80
C ARG A 58 1.01 15.82 11.42
N GLN A 59 0.86 15.92 12.74
CA GLN A 59 0.96 17.21 13.40
C GLN A 59 2.36 17.80 13.21
N TRP A 60 3.38 16.96 13.41
CA TRP A 60 4.73 17.44 13.19
C TRP A 60 4.89 17.89 11.73
N MET A 61 4.31 17.14 10.79
CA MET A 61 4.45 17.53 9.39
C MET A 61 3.80 18.89 9.12
N MET A 62 2.63 19.14 9.69
CA MET A 62 1.98 20.43 9.48
C MET A 62 2.83 21.57 10.04
N ASN A 63 3.29 21.42 11.29
CA ASN A 63 4.16 22.47 11.84
C ASN A 63 5.41 22.65 10.99
N ARG A 64 5.93 21.55 10.43
CA ARG A 64 7.17 21.61 9.67
C ARG A 64 6.98 22.40 8.38
N VAL A 65 6.01 21.97 7.55
CA VAL A 65 5.85 22.62 6.25
C VAL A 65 5.18 23.97 6.37
N ALA A 66 4.72 24.37 7.55
CA ALA A 66 4.29 25.74 7.71
C ALA A 66 5.44 26.72 7.93
N ARG A 67 6.67 26.25 8.11
CA ARG A 67 7.75 27.18 8.44
C ARG A 67 8.70 27.46 7.27
N SER A 68 8.90 26.51 6.36
CA SER A 68 9.53 26.80 5.09
C SER A 68 9.03 25.76 4.10
N ASP A 69 9.16 26.05 2.82
CA ASP A 69 8.88 25.00 1.84
C ASP A 69 10.04 24.02 1.89
N PRO A 70 9.82 22.78 2.34
CA PRO A 70 10.97 21.87 2.52
C PRO A 70 11.65 21.53 1.20
N LEU A 71 10.90 21.52 0.10
CA LEU A 71 11.53 21.29 -1.21
C LEU A 71 12.53 22.40 -1.53
N GLU A 72 12.21 23.64 -1.15
CA GLU A 72 13.15 24.73 -1.40
C GLU A 72 14.36 24.65 -0.47
N ASP A 73 14.19 24.11 0.74
CA ASP A 73 15.35 23.89 1.60
C ASP A 73 16.22 22.77 1.06
N LEU A 74 15.58 21.71 0.54
CA LEU A 74 16.32 20.66 -0.15
C LEU A 74 17.12 21.24 -1.30
N ILE A 75 16.51 22.10 -2.11
CA ILE A 75 17.20 22.72 -3.24
C ILE A 75 18.37 23.55 -2.73
N LYS A 76 18.19 24.26 -1.62
CA LYS A 76 19.30 25.02 -1.03
C LYS A 76 20.45 24.11 -0.62
N LEU A 77 20.16 22.87 -0.23
CA LEU A 77 21.25 21.99 0.15
C LEU A 77 22.23 21.73 -1.00
N PHE A 78 21.76 21.83 -2.25
CA PHE A 78 22.65 21.63 -3.41
C PHE A 78 23.59 22.79 -3.64
N ALA A 79 23.30 23.97 -3.07
CA ALA A 79 24.01 25.18 -3.48
C ALA A 79 25.49 25.17 -3.17
N PRO A 80 25.97 24.68 -2.03
CA PRO A 80 27.43 24.67 -1.79
C PRO A 80 28.19 23.87 -2.82
N PHE A 81 27.50 23.08 -3.65
CA PHE A 81 28.14 22.21 -4.61
C PHE A 81 27.87 22.64 -6.05
N ASP A 82 27.12 23.72 -6.24
CA ASP A 82 26.94 24.37 -7.53
C ASP A 82 28.20 25.20 -7.82
N ARG A 83 29.27 24.50 -8.21
CA ARG A 83 30.56 25.16 -8.36
C ARG A 83 30.53 26.24 -9.45
N LYS A 84 29.72 26.05 -10.49
CA LYS A 84 29.60 27.05 -11.54
C LYS A 84 28.56 28.12 -11.24
N ASN A 85 27.78 27.95 -10.18
CA ASN A 85 26.75 28.91 -9.77
C ASN A 85 25.72 29.13 -10.88
N ASP A 86 25.38 28.05 -11.61
CA ASP A 86 24.46 28.13 -12.74
C ASP A 86 23.26 27.20 -12.57
N GLY A 87 22.97 26.75 -11.35
CA GLY A 87 21.80 25.96 -11.11
C GLY A 87 21.96 24.48 -11.35
N THR A 88 23.20 23.98 -11.40
CA THR A 88 23.44 22.57 -11.61
C THR A 88 24.61 22.11 -10.75
N ILE A 89 24.65 20.81 -10.49
CA ILE A 89 25.81 20.17 -9.87
C ILE A 89 26.33 19.08 -10.80
N SER A 90 27.49 18.52 -10.45
CA SER A 90 28.12 17.48 -11.25
C SER A 90 27.41 16.14 -11.06
N THR A 91 27.01 15.51 -12.16
CA THR A 91 26.36 14.20 -12.06
C THR A 91 27.28 13.20 -11.39
N GLU A 92 28.54 13.15 -11.84
CA GLU A 92 29.52 12.21 -11.28
C GLU A 92 29.76 12.49 -9.81
N GLU A 93 29.79 13.76 -9.41
CA GLU A 93 29.95 14.09 -8.00
C GLU A 93 28.85 13.47 -7.16
N LEU A 94 27.59 13.60 -7.59
CA LEU A 94 26.50 13.03 -6.81
C LEU A 94 26.54 11.50 -6.85
N ALA A 95 26.87 10.92 -8.01
CA ALA A 95 27.00 9.47 -8.07
C ALA A 95 28.03 8.98 -7.05
N GLN A 96 29.19 9.64 -7.00
CA GLN A 96 30.24 9.25 -6.09
C GLN A 96 29.82 9.46 -4.64
N VAL A 97 29.24 10.62 -4.33
CA VAL A 97 28.85 10.87 -2.94
C VAL A 97 27.88 9.79 -2.47
N MET A 98 26.93 9.40 -3.32
CA MET A 98 26.00 8.36 -2.87
C MET A 98 26.69 7.02 -2.72
N LYS A 99 27.55 6.64 -3.68
CA LYS A 99 28.36 5.45 -3.49
C LYS A 99 29.09 5.46 -2.14
N THR A 100 29.66 6.61 -1.79
CA THR A 100 30.47 6.72 -0.58
C THR A 100 29.63 6.63 0.69
N LEU A 101 28.48 7.31 0.73
CA LEU A 101 27.77 7.58 1.97
C LEU A 101 26.48 6.81 2.17
N CYS A 102 25.88 6.24 1.11
CA CYS A 102 24.61 5.54 1.24
C CYS A 102 24.85 4.05 1.43
N SER A 103 24.47 3.53 2.60
CA SER A 103 24.62 2.11 2.87
C SER A 103 23.41 1.28 2.43
N SER A 104 22.23 1.90 2.37
CA SER A 104 21.02 1.14 2.04
C SER A 104 20.78 1.05 0.54
N MET A 105 21.68 1.56 -0.28
CA MET A 105 21.46 1.64 -1.71
C MET A 105 22.49 0.79 -2.45
N THR A 106 21.99 -0.05 -3.35
CA THR A 106 22.84 -0.79 -4.26
C THR A 106 23.33 0.12 -5.39
N GLU A 107 24.36 -0.35 -6.09
CA GLU A 107 24.88 0.40 -7.23
C GLU A 107 23.83 0.52 -8.34
N GLU A 108 22.98 -0.49 -8.49
CA GLU A 108 21.89 -0.40 -9.44
C GLU A 108 20.92 0.71 -9.04
N ASP A 109 20.54 0.76 -7.76
CA ASP A 109 19.71 1.86 -7.29
C ASP A 109 20.33 3.21 -7.64
N ILE A 110 21.62 3.35 -7.39
CA ILE A 110 22.27 4.64 -7.56
C ILE A 110 22.29 5.03 -9.02
N ASP A 111 22.64 4.08 -9.89
CA ASP A 111 22.65 4.36 -11.31
C ASP A 111 21.25 4.70 -11.83
N HIS A 112 20.22 4.09 -11.26
CA HIS A 112 18.86 4.45 -11.63
C HIS A 112 18.53 5.88 -11.22
N LEU A 113 18.80 6.22 -9.96
CA LEU A 113 18.61 7.60 -9.49
C LEU A 113 19.37 8.58 -10.38
N ILE A 114 20.60 8.23 -10.79
CA ILE A 114 21.43 9.16 -11.52
C ILE A 114 20.92 9.34 -12.95
N LYS A 115 20.47 8.25 -13.57
CA LYS A 115 19.94 8.34 -14.93
C LYS A 115 18.53 8.92 -14.98
N GLN A 116 17.81 8.94 -13.87
CA GLN A 116 16.60 9.74 -13.81
C GLN A 116 16.91 11.20 -13.44
N ALA A 117 18.12 11.49 -12.95
CA ALA A 117 18.50 12.87 -12.65
C ALA A 117 19.21 13.57 -13.80
N ASP A 118 19.97 12.84 -14.62
CA ASP A 118 20.61 13.39 -15.82
C ASP A 118 20.22 12.51 -17.00
N PRO A 119 18.94 12.49 -17.35
CA PRO A 119 18.50 11.62 -18.46
C PRO A 119 19.24 11.87 -19.76
N ASN A 120 19.66 13.09 -20.05
CA ASN A 120 20.37 13.32 -21.31
C ASN A 120 21.85 12.92 -21.26
N ASN A 121 22.33 12.37 -20.14
CA ASN A 121 23.75 12.06 -19.95
C ASN A 121 24.61 13.27 -20.35
N SER A 122 24.31 14.42 -19.76
CA SER A 122 25.01 15.66 -20.06
C SER A 122 26.19 15.91 -19.12
N GLY A 123 26.24 15.25 -17.97
CA GLY A 123 27.23 15.51 -16.95
C GLY A 123 26.77 16.40 -15.82
N ASN A 124 25.63 17.08 -16.01
CA ASN A 124 25.15 18.06 -15.06
C ASN A 124 23.75 17.68 -14.63
N ILE A 125 23.41 18.04 -13.39
CA ILE A 125 22.10 17.82 -12.82
C ILE A 125 21.49 19.20 -12.57
N LYS A 126 20.33 19.45 -13.19
CA LYS A 126 19.51 20.66 -12.98
C LYS A 126 18.72 20.41 -11.72
N TYR A 127 19.24 20.83 -10.57
CA TYR A 127 18.78 20.20 -9.33
C TYR A 127 17.41 20.70 -8.89
N ALA A 128 17.08 21.97 -9.10
CA ALA A 128 15.72 22.42 -8.80
C ALA A 128 14.70 21.59 -9.56
N GLU A 129 14.90 21.47 -10.88
CA GLU A 129 14.02 20.66 -11.72
C GLU A 129 13.96 19.21 -11.26
N PHE A 130 15.13 18.61 -10.99
CA PHE A 130 15.18 17.22 -10.54
C PHE A 130 14.42 17.03 -9.23
N VAL A 131 14.65 17.93 -8.28
CA VAL A 131 13.96 17.87 -6.99
C VAL A 131 12.45 17.90 -7.19
N HIS A 132 11.96 18.77 -8.07
CA HIS A 132 10.51 18.80 -8.28
C HIS A 132 10.03 17.63 -9.12
N GLN A 133 10.93 16.95 -9.84
CA GLN A 133 10.55 15.69 -10.49
C GLN A 133 10.31 14.59 -9.48
N CYS A 134 11.19 14.47 -8.46
CA CYS A 134 11.07 13.40 -7.46
C CYS A 134 9.98 13.69 -6.43
N PHE A 135 9.83 14.93 -5.99
CA PHE A 135 8.98 15.24 -4.85
C PHE A 135 7.86 16.23 -5.21
N ASP B 2 -11.82 -15.79 -19.95
CA ASP B 2 -13.20 -15.83 -20.44
C ASP B 2 -13.73 -17.27 -20.43
N GLU B 3 -12.81 -18.24 -20.35
CA GLU B 3 -13.17 -19.65 -20.24
C GLU B 3 -12.68 -20.29 -18.95
N ASP B 4 -11.47 -19.98 -18.50
CA ASP B 4 -11.02 -20.47 -17.20
C ASP B 4 -11.88 -19.89 -16.08
N MET B 5 -12.34 -18.65 -16.24
CA MET B 5 -13.36 -18.10 -15.35
C MET B 5 -14.63 -18.95 -15.39
N GLN B 6 -15.00 -19.45 -16.57
CA GLN B 6 -16.25 -20.17 -16.75
C GLN B 6 -16.12 -21.65 -16.32
N GLU B 7 -15.01 -22.30 -16.66
CA GLU B 7 -14.69 -23.60 -16.07
C GLU B 7 -14.71 -23.53 -14.55
N ALA B 8 -13.99 -22.55 -13.99
CA ALA B 8 -13.94 -22.40 -12.54
C ALA B 8 -15.32 -22.17 -11.96
N LEU B 9 -16.18 -21.42 -12.66
CA LEU B 9 -17.55 -21.23 -12.18
C LEU B 9 -18.26 -22.57 -12.03
N GLU B 10 -18.16 -23.43 -13.05
CA GLU B 10 -18.86 -24.72 -12.98
C GLU B 10 -18.30 -25.64 -11.90
N GLU B 11 -16.99 -25.59 -11.64
CA GLU B 11 -16.48 -26.44 -10.56
C GLU B 11 -16.54 -25.78 -9.19
N MET B 12 -16.92 -24.49 -9.10
CA MET B 12 -16.97 -23.77 -7.83
C MET B 12 -18.37 -23.43 -7.35
N VAL B 13 -19.35 -23.38 -8.25
CA VAL B 13 -20.74 -23.13 -7.88
C VAL B 13 -21.62 -24.06 -8.69
N GLU B 14 -22.74 -24.47 -8.10
CA GLU B 14 -23.70 -25.29 -8.82
C GLU B 14 -24.81 -24.38 -9.33
N ALA B 15 -25.11 -24.52 -10.63
CA ALA B 15 -25.91 -23.53 -11.34
C ALA B 15 -27.34 -23.46 -10.82
N ASP B 16 -27.89 -24.57 -10.35
CA ASP B 16 -29.20 -24.54 -9.72
C ASP B 16 -29.25 -23.51 -8.59
N GLU B 17 -28.26 -23.57 -7.70
CA GLU B 17 -28.18 -22.63 -6.58
C GLU B 17 -28.05 -21.19 -7.07
N MET B 18 -27.19 -20.97 -8.06
CA MET B 18 -27.01 -19.63 -8.60
C MET B 18 -28.31 -19.07 -9.14
N TYR B 19 -29.00 -19.85 -9.96
CA TYR B 19 -30.26 -19.38 -10.53
C TYR B 19 -31.29 -19.11 -9.45
N ALA B 20 -31.40 -20.02 -8.48
CA ALA B 20 -32.36 -19.84 -7.40
C ALA B 20 -32.12 -18.53 -6.65
N ARG B 21 -30.87 -18.26 -6.29
CA ARG B 21 -30.57 -17.04 -5.55
C ARG B 21 -30.85 -15.80 -6.39
N PHE B 22 -30.40 -15.81 -7.65
CA PHE B 22 -30.62 -14.66 -8.52
C PHE B 22 -32.11 -14.32 -8.60
N ASN B 23 -32.96 -15.32 -8.79
CA ASN B 23 -34.39 -15.03 -8.88
C ASN B 23 -34.99 -14.71 -7.51
N ALA B 24 -34.39 -15.20 -6.44
CA ALA B 24 -34.75 -14.70 -5.12
C ALA B 24 -34.75 -13.18 -5.11
N ARG B 25 -33.61 -12.56 -5.45
CA ARG B 25 -33.60 -11.10 -5.40
C ARG B 25 -33.90 -10.42 -6.74
N ALA B 26 -34.18 -11.18 -7.79
CA ALA B 26 -34.39 -10.57 -9.10
C ALA B 26 -35.71 -9.84 -9.15
N SER B 27 -35.66 -8.58 -9.59
CA SER B 27 -36.86 -7.78 -9.84
C SER B 27 -36.96 -7.60 -11.34
N GLY B 28 -37.81 -8.39 -11.99
CA GLY B 28 -37.93 -8.34 -13.43
C GLY B 28 -36.66 -8.81 -14.13
N GLY B 29 -36.13 -9.94 -13.68
CA GLY B 29 -34.96 -10.54 -14.30
C GLY B 29 -33.66 -9.77 -14.16
N LYS B 30 -33.60 -8.73 -13.33
CA LYS B 30 -32.36 -7.98 -13.15
C LYS B 30 -32.09 -7.75 -11.67
N VAL B 31 -30.80 -7.61 -11.36
CA VAL B 31 -30.33 -7.32 -10.01
C VAL B 31 -29.29 -6.21 -10.10
N SER B 32 -29.16 -5.45 -9.02
CA SER B 32 -28.11 -4.44 -8.98
C SER B 32 -26.74 -5.08 -8.80
N THR B 33 -25.70 -4.33 -9.16
CA THR B 33 -24.34 -4.80 -8.97
C THR B 33 -24.03 -5.05 -7.50
N GLY B 34 -24.56 -4.20 -6.60
CA GLY B 34 -24.32 -4.43 -5.19
C GLY B 34 -24.98 -5.72 -4.70
N ASP B 35 -26.24 -5.92 -5.09
CA ASP B 35 -26.88 -7.19 -4.76
C ASP B 35 -26.16 -8.36 -5.41
N ALA B 36 -25.54 -8.14 -6.57
CA ALA B 36 -24.73 -9.19 -7.19
C ALA B 36 -23.50 -9.52 -6.34
N MET B 37 -22.87 -8.51 -5.75
CA MET B 37 -21.79 -8.76 -4.80
C MET B 37 -22.27 -9.65 -3.66
N ILE B 38 -23.45 -9.32 -3.12
CA ILE B 38 -23.98 -10.10 -2.00
C ILE B 38 -24.30 -11.52 -2.44
N LEU B 39 -24.95 -11.68 -3.59
CA LEU B 39 -25.30 -13.01 -4.08
C LEU B 39 -24.06 -13.85 -4.33
N ALA B 40 -23.03 -13.25 -4.94
CA ALA B 40 -21.79 -13.98 -5.18
C ALA B 40 -21.15 -14.43 -3.87
N ARG B 41 -21.13 -13.56 -2.87
CA ARG B 41 -20.65 -14.00 -1.55
C ARG B 41 -21.47 -15.17 -1.04
N GLN B 42 -22.80 -15.07 -1.15
CA GLN B 42 -23.69 -16.12 -0.66
C GLN B 42 -23.50 -17.43 -1.41
N LEU B 43 -23.08 -17.38 -2.68
CA LEU B 43 -22.76 -18.60 -3.42
C LEU B 43 -21.38 -19.14 -3.07
N GLY B 44 -20.63 -18.47 -2.20
CA GLY B 44 -19.35 -18.95 -1.73
C GLY B 44 -18.14 -18.33 -2.37
N LEU B 45 -18.31 -17.35 -3.26
CA LEU B 45 -17.19 -16.66 -3.89
C LEU B 45 -16.84 -15.40 -3.11
N ALA B 46 -15.66 -14.85 -3.39
CA ALA B 46 -15.14 -13.68 -2.69
C ALA B 46 -14.74 -12.60 -3.70
N PRO B 47 -15.72 -11.92 -4.27
CA PRO B 47 -15.40 -10.79 -5.14
C PRO B 47 -14.81 -9.65 -4.34
N SER B 48 -13.91 -8.92 -4.98
CA SER B 48 -13.38 -7.66 -4.48
C SER B 48 -14.19 -6.49 -5.05
N TYR B 49 -13.95 -5.30 -4.52
CA TYR B 49 -14.58 -4.12 -5.06
C TYR B 49 -13.95 -3.70 -6.38
N ALA B 50 -12.67 -4.03 -6.61
CA ALA B 50 -12.10 -3.85 -7.94
C ALA B 50 -12.88 -4.66 -8.98
N ASP B 51 -13.15 -5.95 -8.68
CA ASP B 51 -13.99 -6.75 -9.55
C ASP B 51 -15.29 -6.03 -9.89
N LYS B 52 -15.99 -5.57 -8.85
CA LYS B 52 -17.28 -4.92 -9.04
C LYS B 52 -17.17 -3.70 -9.93
N GLN B 53 -16.16 -2.86 -9.68
CA GLN B 53 -16.11 -1.59 -10.41
C GLN B 53 -15.68 -1.81 -11.85
N ALA B 54 -14.76 -2.73 -12.12
CA ALA B 54 -14.44 -3.07 -13.49
C ALA B 54 -15.67 -3.61 -14.22
N PHE B 55 -16.39 -4.54 -13.57
CA PHE B 55 -17.53 -5.13 -14.24
C PHE B 55 -18.60 -4.10 -14.56
N GLU B 56 -18.87 -3.17 -13.64
CA GLU B 56 -19.91 -2.20 -13.95
C GLU B 56 -19.40 -1.10 -14.88
N GLU B 57 -18.07 -0.86 -14.87
CA GLU B 57 -17.46 0.02 -15.85
C GLU B 57 -17.76 -0.47 -17.27
N LYS B 58 -17.69 -1.78 -17.49
CA LYS B 58 -17.88 -2.28 -18.85
C LYS B 58 -19.29 -2.79 -19.16
N SER B 59 -20.07 -3.20 -18.16
CA SER B 59 -21.40 -3.78 -18.41
C SER B 59 -22.54 -2.98 -17.79
N GLY B 60 -22.26 -1.90 -17.07
CA GLY B 60 -23.31 -1.10 -16.50
C GLY B 60 -23.61 -1.44 -15.05
N ASP B 61 -24.82 -1.08 -14.63
CA ASP B 61 -25.19 -1.15 -13.22
C ASP B 61 -26.28 -2.16 -12.90
N ASN B 62 -27.03 -2.63 -13.89
CA ASN B 62 -28.15 -3.54 -13.68
C ASN B 62 -27.92 -4.79 -14.52
N LEU B 63 -27.89 -5.94 -13.87
CA LEU B 63 -27.47 -7.18 -14.48
C LEU B 63 -28.65 -8.11 -14.71
N ASP B 64 -28.76 -8.61 -15.93
CA ASP B 64 -29.58 -9.78 -16.17
C ASP B 64 -28.81 -11.04 -15.78
N TYR B 65 -29.50 -12.18 -15.80
CA TYR B 65 -28.89 -13.39 -15.31
C TYR B 65 -27.57 -13.67 -16.03
N ALA B 66 -27.51 -13.45 -17.34
CA ALA B 66 -26.29 -13.77 -18.09
C ALA B 66 -25.13 -12.87 -17.66
N SER B 67 -25.39 -11.59 -17.49
CA SER B 67 -24.31 -10.72 -17.05
C SER B 67 -23.95 -11.01 -15.60
N PHE B 68 -24.91 -11.43 -14.79
CA PHE B 68 -24.60 -11.84 -13.43
C PHE B 68 -23.68 -13.08 -13.42
N GLN B 69 -23.98 -14.04 -14.31
CA GLN B 69 -23.14 -15.22 -14.47
C GLN B 69 -21.72 -14.82 -14.85
N LYS B 70 -21.59 -13.88 -15.79
CA LYS B 70 -20.26 -13.39 -16.14
C LYS B 70 -19.56 -12.76 -14.93
N PHE B 71 -20.28 -11.95 -14.14
CA PHE B 71 -19.66 -11.30 -12.99
C PHE B 71 -19.18 -12.33 -11.97
N VAL B 72 -20.01 -13.32 -11.68
CA VAL B 72 -19.63 -14.37 -10.74
C VAL B 72 -18.43 -15.14 -11.29
N GLY B 73 -18.42 -15.42 -12.59
CA GLY B 73 -17.23 -15.97 -13.22
C GLY B 73 -15.99 -15.15 -12.90
N THR B 74 -16.07 -13.83 -13.09
CA THR B 74 -14.90 -12.99 -12.83
C THR B 74 -14.53 -12.93 -11.35
N SER B 75 -15.41 -13.37 -10.45
CA SER B 75 -15.09 -13.37 -9.03
C SER B 75 -14.62 -14.73 -8.52
N THR B 76 -14.37 -15.71 -9.40
CA THR B 76 -14.00 -17.03 -8.91
C THR B 76 -12.60 -17.06 -8.31
N HIS B 77 -11.67 -16.29 -8.86
CA HIS B 77 -10.29 -16.21 -8.40
C HIS B 77 -9.74 -17.60 -8.09
N PRO B 78 -9.67 -18.49 -9.10
CA PRO B 78 -9.09 -19.82 -8.87
C PRO B 78 -7.68 -19.78 -8.37
N GLU B 79 -6.96 -18.68 -8.54
CA GLU B 79 -5.58 -18.62 -8.12
C GLU B 79 -5.43 -18.43 -6.60
N ASP B 80 -6.52 -18.08 -5.90
CA ASP B 80 -6.48 -17.99 -4.44
C ASP B 80 -5.86 -19.26 -3.85
N ASN B 81 -5.01 -19.08 -2.85
CA ASN B 81 -4.46 -20.24 -2.14
C ASN B 81 -3.95 -19.78 -0.78
N ILE B 82 -3.84 -20.76 0.13
CA ILE B 82 -3.48 -20.45 1.51
C ILE B 82 -2.12 -19.75 1.60
N GLU B 83 -1.13 -20.24 0.85
CA GLU B 83 0.22 -19.73 1.05
C GLU B 83 0.33 -18.25 0.71
N ASP B 84 -0.42 -17.79 -0.29
CA ASP B 84 -0.34 -16.38 -0.67
C ASP B 84 -1.02 -15.49 0.35
N LEU B 85 -2.20 -15.88 0.85
CA LEU B 85 -2.81 -15.08 1.91
C LEU B 85 -1.91 -15.03 3.15
N VAL B 86 -1.32 -16.17 3.50
CA VAL B 86 -0.47 -16.21 4.68
C VAL B 86 0.76 -15.34 4.47
N GLU B 87 1.33 -15.32 3.26
CA GLU B 87 2.47 -14.43 3.01
C GLU B 87 2.06 -12.97 3.07
N ALA B 88 0.85 -12.64 2.61
CA ALA B 88 0.32 -11.30 2.83
C ALA B 88 0.46 -10.90 4.30
N PHE B 89 -0.08 -11.73 5.20
CA PHE B 89 0.02 -11.36 6.62
C PHE B 89 1.46 -11.45 7.14
N ALA B 90 2.21 -12.49 6.73
CA ALA B 90 3.57 -12.66 7.20
C ALA B 90 4.48 -11.51 6.81
N TYR B 91 4.11 -10.72 5.80
CA TYR B 91 4.91 -9.54 5.47
C TYR B 91 5.14 -8.66 6.70
N PHE B 92 4.13 -8.52 7.57
CA PHE B 92 4.20 -7.63 8.72
C PHE B 92 4.70 -8.32 9.98
N ASP B 93 4.97 -9.62 9.92
CA ASP B 93 5.39 -10.41 11.06
C ASP B 93 6.92 -10.43 11.01
N VAL B 94 7.56 -9.46 11.68
CA VAL B 94 8.95 -9.13 11.36
C VAL B 94 9.84 -10.36 11.50
N SER B 95 9.49 -11.26 12.42
CA SER B 95 10.30 -12.42 12.71
C SER B 95 9.76 -13.69 12.07
N LYS B 96 8.61 -13.60 11.39
CA LYS B 96 7.99 -14.75 10.73
C LYS B 96 7.72 -15.89 11.71
N HIS B 97 7.64 -15.59 13.01
CA HIS B 97 7.33 -16.61 14.01
C HIS B 97 5.93 -17.18 13.84
N GLY B 98 4.99 -16.40 13.31
CA GLY B 98 3.68 -16.93 12.98
C GLY B 98 2.50 -16.24 13.64
N TYR B 99 2.75 -15.16 14.37
CA TYR B 99 1.74 -14.49 15.18
C TYR B 99 1.73 -12.99 14.89
N LEU B 100 0.55 -12.42 14.89
CA LEU B 100 0.36 -10.97 14.87
C LEU B 100 -0.49 -10.59 16.07
N THR B 101 -0.31 -9.38 16.57
CA THR B 101 -1.22 -8.96 17.64
C THR B 101 -2.56 -8.51 17.06
N ARG B 102 -3.53 -8.37 17.98
CA ARG B 102 -4.83 -7.84 17.60
C ARG B 102 -4.69 -6.45 16.98
N LYS B 103 -3.87 -5.58 17.59
CA LYS B 103 -3.68 -4.24 17.02
C LYS B 103 -3.09 -4.32 15.62
N GLN B 104 -2.14 -5.24 15.40
CA GLN B 104 -1.59 -5.39 14.05
C GLN B 104 -2.66 -5.86 13.07
N MET B 105 -3.44 -6.88 13.45
CA MET B 105 -4.47 -7.40 12.55
C MET B 105 -5.45 -6.29 12.19
N GLY B 106 -5.91 -5.54 13.20
CA GLY B 106 -6.82 -4.45 12.92
C GLY B 106 -6.23 -3.41 12.00
N ASN B 107 -5.00 -2.95 12.30
CA ASN B 107 -4.43 -1.88 11.49
C ASN B 107 -4.19 -2.35 10.07
N ILE B 108 -3.70 -3.57 9.89
CA ILE B 108 -3.48 -4.08 8.54
C ILE B 108 -4.81 -4.14 7.78
N LEU B 109 -5.82 -4.74 8.41
CA LEU B 109 -7.07 -4.99 7.71
C LEU B 109 -7.84 -3.70 7.44
N MET B 110 -7.63 -2.68 8.26
CA MET B 110 -8.34 -1.42 8.09
C MET B 110 -7.49 -0.32 7.46
N THR B 111 -6.25 -0.63 7.01
CA THR B 111 -5.38 0.38 6.40
C THR B 111 -4.96 0.06 4.96
N TYR B 112 -4.80 -1.21 4.61
CA TYR B 112 -4.26 -1.58 3.31
C TYR B 112 -5.33 -2.24 2.45
N GLY B 113 -5.03 -2.35 1.16
CA GLY B 113 -5.91 -2.98 0.20
C GLY B 113 -7.27 -2.30 0.10
N GLU B 114 -8.32 -3.02 0.52
CA GLU B 114 -9.70 -2.56 0.48
C GLU B 114 -10.18 -2.52 1.93
N PRO B 115 -9.79 -1.47 2.67
CA PRO B 115 -9.91 -1.51 4.14
C PRO B 115 -11.29 -1.89 4.60
N LEU B 116 -11.34 -2.70 5.66
CA LEU B 116 -12.59 -2.97 6.35
C LEU B 116 -13.06 -1.74 7.11
N THR B 117 -14.38 -1.58 7.19
CA THR B 117 -14.96 -0.62 8.12
C THR B 117 -14.72 -1.09 9.55
N THR B 118 -14.86 -0.15 10.51
CA THR B 118 -14.74 -0.58 11.90
C THR B 118 -15.79 -1.62 12.24
N GLU B 119 -16.96 -1.54 11.60
CA GLU B 119 -18.01 -2.53 11.86
C GLU B 119 -17.60 -3.90 11.33
N GLU B 120 -17.18 -3.97 10.06
CA GLU B 120 -16.68 -5.22 9.51
C GLU B 120 -15.61 -5.82 10.41
N PHE B 121 -14.60 -5.01 10.79
CA PHE B 121 -13.52 -5.56 11.59
C PHE B 121 -14.00 -5.98 12.96
N ASN B 122 -14.93 -5.23 13.57
CA ASN B 122 -15.36 -5.57 14.92
C ASN B 122 -16.14 -6.87 14.93
N ALA B 123 -16.96 -7.12 13.90
CA ALA B 123 -17.61 -8.41 13.78
C ALA B 123 -16.58 -9.53 13.60
N LEU B 124 -15.69 -9.36 12.63
CA LEU B 124 -14.59 -10.31 12.42
C LEU B 124 -13.88 -10.63 13.73
N ALA B 125 -13.52 -9.59 14.48
CA ALA B 125 -12.72 -9.74 15.69
C ALA B 125 -13.53 -10.39 16.80
N ALA B 126 -14.81 -10.03 16.94
CA ALA B 126 -15.65 -10.73 17.89
C ALA B 126 -15.58 -12.22 17.63
N GLU B 127 -15.54 -12.62 16.37
CA GLU B 127 -15.45 -14.06 16.10
C GLU B 127 -14.04 -14.61 16.37
N TYR B 128 -13.01 -14.01 15.78
CA TYR B 128 -11.73 -14.68 15.63
C TYR B 128 -10.60 -14.13 16.49
N PHE B 129 -10.68 -12.90 16.95
CA PHE B 129 -9.55 -12.27 17.63
C PHE B 129 -9.74 -12.26 19.13
N THR B 130 -10.16 -13.45 19.59
CA THR B 130 -10.07 -13.97 20.95
C THR B 130 -8.90 -13.38 21.74
N SER B 131 -7.70 -13.80 21.37
CA SER B 131 -6.50 -13.46 22.11
C SER B 131 -6.04 -12.04 21.75
N ASP B 132 -4.86 -11.68 22.24
CA ASP B 132 -4.11 -10.58 21.67
C ASP B 132 -3.00 -11.07 20.74
N GLN B 133 -2.65 -12.35 20.80
CA GLN B 133 -1.73 -12.97 19.86
C GLN B 133 -2.52 -13.92 18.96
N ILE B 134 -2.45 -13.68 17.66
CA ILE B 134 -3.30 -14.32 16.68
C ILE B 134 -2.42 -15.13 15.74
N ASP B 135 -2.77 -16.40 15.56
CA ASP B 135 -2.10 -17.29 14.61
C ASP B 135 -2.76 -17.06 13.27
N TYR B 136 -2.09 -16.28 12.41
CA TYR B 136 -2.72 -15.84 11.17
C TYR B 136 -2.77 -16.93 10.11
N ARG B 137 -1.93 -17.96 10.20
CA ARG B 137 -2.12 -19.09 9.29
C ARG B 137 -3.42 -19.83 9.62
N GLN B 138 -3.67 -20.05 10.91
CA GLN B 138 -4.94 -20.66 11.33
C GLN B 138 -6.12 -19.81 10.88
N PHE B 139 -6.01 -18.49 11.04
CA PHE B 139 -7.07 -17.59 10.63
C PHE B 139 -7.26 -17.59 9.12
N CYS B 140 -6.17 -17.66 8.36
CA CYS B 140 -6.32 -17.70 6.90
C CYS B 140 -7.00 -19.00 6.46
N LYS B 141 -6.68 -20.13 7.10
CA LYS B 141 -7.38 -21.35 6.69
C LYS B 141 -8.88 -21.26 7.01
N ALA B 142 -9.24 -20.79 8.20
CA ALA B 142 -10.65 -20.51 8.46
C ALA B 142 -11.26 -19.67 7.33
N MET B 143 -10.61 -18.55 7.00
CA MET B 143 -11.16 -17.64 5.98
C MET B 143 -11.31 -18.34 4.64
N LEU B 144 -10.48 -19.34 4.35
CA LEU B 144 -10.53 -19.97 3.04
C LEU B 144 -11.43 -21.19 3.00
N GLU B 145 -11.92 -21.68 4.14
CA GLU B 145 -12.86 -22.80 4.10
C GLU B 145 -14.06 -22.42 3.23
N ALA B 146 -14.59 -23.41 2.50
CA ALA B 146 -15.74 -23.17 1.63
C ALA B 146 -17.04 -23.53 2.34
N SER C 1 30.25 15.34 6.90
CA SER C 1 30.12 15.83 5.53
C SER C 1 28.85 16.69 5.32
N SER C 2 29.00 17.77 4.56
CA SER C 2 27.88 18.65 4.20
C SER C 2 27.11 18.15 2.99
N TRP C 3 27.49 17.00 2.42
CA TRP C 3 26.58 16.29 1.53
C TRP C 3 25.53 15.49 2.31
N GLU C 4 25.83 15.15 3.56
CA GLU C 4 25.02 14.16 4.26
C GLU C 4 23.54 14.52 4.36
N PRO C 5 23.15 15.77 4.65
CA PRO C 5 21.70 16.07 4.69
C PRO C 5 21.02 15.87 3.35
N LEU C 6 21.75 16.00 2.25
CA LEU C 6 21.19 15.80 0.92
C LEU C 6 21.03 14.31 0.61
N VAL C 7 22.13 13.56 0.69
CA VAL C 7 22.04 12.14 0.39
C VAL C 7 21.10 11.43 1.37
N SER C 8 21.02 11.89 2.62
CA SER C 8 20.04 11.28 3.52
C SER C 8 18.64 11.36 2.93
N VAL C 9 18.28 12.50 2.34
CA VAL C 9 16.96 12.65 1.74
C VAL C 9 16.84 11.74 0.52
N LEU C 10 17.84 11.75 -0.35
CA LEU C 10 17.73 10.91 -1.55
C LEU C 10 17.59 9.44 -1.19
N GLU C 11 18.34 9.00 -0.17
CA GLU C 11 18.31 7.62 0.28
C GLU C 11 16.99 7.25 0.93
N ALA C 12 16.41 8.15 1.73
CA ALA C 12 15.12 7.84 2.35
C ALA C 12 14.01 7.79 1.30
N TYR C 13 14.09 8.67 0.31
CA TYR C 13 13.16 8.62 -0.82
C TYR C 13 13.23 7.27 -1.52
N TYR C 14 14.46 6.79 -1.81
CA TYR C 14 14.57 5.49 -2.45
C TYR C 14 14.14 4.35 -1.54
N ALA C 15 14.33 4.48 -0.23
CA ALA C 15 13.81 3.45 0.68
C ALA C 15 12.29 3.42 0.69
N GLY C 16 11.65 4.59 0.67
CA GLY C 16 10.20 4.62 0.51
C GLY C 16 9.76 3.88 -0.73
N ARG C 17 10.46 4.09 -1.84
CA ARG C 17 10.07 3.37 -3.05
C ARG C 17 10.37 1.88 -2.95
N ARG C 18 11.42 1.49 -2.21
CA ARG C 18 11.69 0.07 -2.02
C ARG C 18 10.57 -0.59 -1.22
N HIS C 19 10.12 0.08 -0.16
CA HIS C 19 8.97 -0.43 0.59
C HIS C 19 7.73 -0.50 -0.28
N LYS C 20 7.46 0.54 -1.07
CA LYS C 20 6.32 0.50 -1.99
C LYS C 20 6.41 -0.70 -2.90
N LYS C 21 7.60 -0.96 -3.46
CA LYS C 21 7.74 -2.11 -4.34
C LYS C 21 7.38 -3.40 -3.61
N GLN C 22 7.81 -3.55 -2.37
CA GLN C 22 7.49 -4.79 -1.68
C GLN C 22 6.03 -4.88 -1.25
N LEU C 23 5.42 -3.76 -0.84
CA LEU C 23 4.01 -3.75 -0.47
C LEU C 23 3.11 -4.01 -1.67
N LEU C 24 3.52 -3.58 -2.86
CA LEU C 24 2.70 -3.79 -4.05
C LEU C 24 2.54 -5.27 -4.36
N LYS C 25 3.54 -6.08 -4.01
CA LYS C 25 3.49 -7.51 -4.24
C LYS C 25 2.55 -8.21 -3.27
N LYS C 26 2.28 -7.61 -2.10
CA LYS C 26 1.46 -8.22 -1.05
C LYS C 26 0.04 -7.68 -0.98
N THR C 27 -0.18 -6.43 -1.37
CA THR C 27 -1.51 -5.86 -1.19
C THR C 27 -2.58 -6.57 -2.02
N PRO C 28 -2.28 -7.15 -3.19
CA PRO C 28 -3.34 -7.91 -3.87
C PRO C 28 -3.85 -9.05 -3.02
N PHE C 29 -2.96 -9.66 -2.23
CA PHE C 29 -3.34 -10.76 -1.37
C PHE C 29 -4.01 -10.28 -0.08
N ILE C 30 -3.57 -9.17 0.50
CA ILE C 30 -4.37 -8.52 1.55
C ILE C 30 -5.80 -8.32 1.06
N ILE C 31 -5.95 -7.86 -0.18
CA ILE C 31 -7.29 -7.60 -0.74
C ILE C 31 -8.09 -8.90 -0.82
N ARG C 32 -7.46 -9.97 -1.33
CA ARG C 32 -8.12 -11.26 -1.36
C ARG C 32 -8.61 -11.68 0.02
N ALA C 33 -7.78 -11.43 1.05
CA ALA C 33 -8.18 -11.74 2.42
C ALA C 33 -9.40 -10.92 2.83
N GLN C 34 -9.37 -9.62 2.52
CA GLN C 34 -10.51 -8.75 2.83
C GLN C 34 -11.78 -9.22 2.11
N ALA C 35 -11.64 -9.70 0.88
CA ALA C 35 -12.83 -10.15 0.15
C ALA C 35 -13.39 -11.42 0.75
N HIS C 36 -12.50 -12.33 1.16
CA HIS C 36 -12.99 -13.54 1.83
C HIS C 36 -13.59 -13.21 3.19
N ILE C 37 -13.05 -12.22 3.89
CA ILE C 37 -13.67 -11.77 5.13
C ILE C 37 -15.09 -11.28 4.87
N ARG C 38 -15.26 -10.46 3.82
CA ARG C 38 -16.60 -9.95 3.55
C ARG C 38 -17.56 -11.06 3.12
N ARG C 39 -17.03 -12.09 2.45
CA ARG C 39 -17.85 -13.27 2.19
C ARG C 39 -18.30 -13.92 3.49
N HIS C 40 -17.37 -14.11 4.41
CA HIS C 40 -17.69 -14.78 5.66
C HIS C 40 -18.79 -14.04 6.43
N LEU C 41 -18.76 -12.72 6.42
CA LEU C 41 -19.67 -11.90 7.21
C LEU C 41 -21.06 -11.76 6.58
N VAL C 42 -21.30 -12.33 5.40
CA VAL C 42 -22.57 -12.16 4.72
C VAL C 42 -23.66 -13.05 5.34
#